data_1G0Z
#
_entry.id   1G0Z
#
_cell.length_a   80.360
_cell.length_b   80.360
_cell.length_c   99.440
_cell.angle_alpha   90.00
_cell.angle_beta   90.00
_cell.angle_gamma   120.00
#
_symmetry.space_group_name_H-M   'H 3'
#
loop_
_entity.id
_entity.type
_entity.pdbx_description
1 polymer 'PHOSPHOLIPASE A2'
2 non-polymer 'CHLORIDE ION'
3 water water
#
_entity_poly.entity_id   1
_entity_poly.type   'polypeptide(L)'
_entity_poly.pdbx_seq_one_letter_code
;NLKQFKNMIQCAGTRTWTSYIGYGCYCGYGGSGTPVDELDRCCYTHDHCYNKAANIPGCNPLIKTYSYTCTKPNITCNDT
SDSCARFICDCDRTAAICFASAPYNINNIMISASTSCQ
;
_entity_poly.pdbx_strand_id   A,B
#
# COMPACT_ATOMS: atom_id res chain seq x y z
N ASN A 1 5.66 -9.76 6.73
CA ASN A 1 4.60 -9.26 5.81
C ASN A 1 3.55 -8.47 6.57
N LEU A 2 2.55 -7.97 5.85
CA LEU A 2 1.49 -7.17 6.44
C LEU A 2 0.76 -7.82 7.62
N LYS A 3 0.50 -9.12 7.53
CA LYS A 3 -0.17 -9.84 8.62
C LYS A 3 0.70 -9.86 9.88
N GLN A 4 2.02 -9.96 9.69
CA GLN A 4 2.94 -9.96 10.82
C GLN A 4 2.97 -8.57 11.47
N PHE A 5 2.90 -7.55 10.63
CA PHE A 5 2.91 -6.16 11.09
C PHE A 5 1.69 -5.89 11.96
N LYS A 6 0.54 -6.40 11.52
CA LYS A 6 -0.69 -6.21 12.27
C LYS A 6 -0.55 -6.79 13.68
N ASN A 7 -0.04 -8.02 13.78
CA ASN A 7 0.14 -8.66 15.07
C ASN A 7 1.18 -7.93 15.92
N MET A 8 2.23 -7.43 15.27
CA MET A 8 3.25 -6.67 15.98
C MET A 8 2.59 -5.45 16.62
N ILE A 9 1.66 -4.85 15.87
CA ILE A 9 0.96 -3.66 16.35
C ILE A 9 0.23 -3.90 17.67
N GLN A 10 -0.51 -5.01 17.78
CA GLN A 10 -1.19 -5.27 19.04
C GLN A 10 -0.29 -5.96 20.05
N CYS A 11 0.88 -6.40 19.61
CA CYS A 11 1.82 -7.02 20.54
C CYS A 11 2.41 -5.91 21.40
N ALA A 12 2.87 -4.86 20.73
CA ALA A 12 3.51 -3.74 21.40
C ALA A 12 2.57 -2.68 21.97
N GLY A 13 1.36 -2.57 21.43
CA GLY A 13 0.47 -1.55 21.93
C GLY A 13 -0.89 -2.02 22.38
N THR A 14 -1.72 -1.06 22.78
CA THR A 14 -3.07 -1.33 23.25
C THR A 14 -4.02 -1.36 22.05
N ARG A 15 -3.86 -0.38 21.15
CA ARG A 15 -4.69 -0.27 19.96
C ARG A 15 -4.19 -1.23 18.88
N THR A 16 -5.13 -1.78 18.13
CA THR A 16 -4.82 -2.71 17.05
C THR A 16 -4.64 -1.93 15.75
N TRP A 17 -4.30 -2.62 14.67
CA TRP A 17 -4.09 -1.98 13.38
C TRP A 17 -5.27 -1.22 12.80
N THR A 18 -6.49 -1.70 13.04
CA THR A 18 -7.66 -1.02 12.50
C THR A 18 -7.68 0.42 13.00
N SER A 19 -7.09 0.63 14.17
CA SER A 19 -7.02 1.96 14.77
C SER A 19 -6.19 2.90 13.91
N TYR A 20 -5.33 2.33 13.08
CA TYR A 20 -4.47 3.12 12.20
C TYR A 20 -4.76 2.85 10.72
N ILE A 21 -6.03 2.83 10.35
CA ILE A 21 -6.40 2.60 8.96
C ILE A 21 -6.66 3.95 8.31
N GLY A 22 -7.18 4.90 9.08
CA GLY A 22 -7.47 6.22 8.55
C GLY A 22 -7.08 7.32 9.52
N TYR A 23 -5.78 7.41 9.82
CA TYR A 23 -5.33 8.42 10.76
C TYR A 23 -4.33 9.40 10.14
N GLY A 24 -4.44 10.67 10.52
CA GLY A 24 -3.54 11.69 10.00
C GLY A 24 -3.38 11.73 8.49
N CYS A 25 -2.25 12.24 8.03
CA CYS A 25 -1.95 12.36 6.61
C CYS A 25 -1.17 11.18 6.04
N TYR A 26 -0.63 10.32 6.90
CA TYR A 26 0.15 9.18 6.41
C TYR A 26 -0.18 7.78 6.88
N CYS A 27 -1.00 7.64 7.91
CA CYS A 27 -1.36 6.30 8.38
C CYS A 27 -2.36 5.72 7.40
N GLY A 28 -2.12 4.48 7.00
CA GLY A 28 -2.98 3.84 6.03
C GLY A 28 -2.23 3.90 4.71
N TYR A 29 -2.97 3.96 3.62
CA TYR A 29 -2.33 3.99 2.30
C TYR A 29 -1.77 5.38 1.98
N GLY A 30 -0.63 5.33 1.32
CA GLY A 30 0.11 6.51 0.85
C GLY A 30 -0.04 7.70 1.78
N GLY A 31 -0.21 8.87 1.19
CA GLY A 31 -0.36 10.07 2.00
C GLY A 31 0.46 11.23 1.46
N SER A 32 0.12 12.44 1.87
CA SER A 32 0.82 13.64 1.44
C SER A 32 0.70 14.72 2.50
N GLY A 33 1.49 15.77 2.35
CA GLY A 33 1.48 16.86 3.30
C GLY A 33 2.46 16.65 4.43
N THR A 34 2.25 17.38 5.51
CA THR A 34 3.12 17.27 6.67
C THR A 34 2.46 16.39 7.73
N PRO A 35 3.19 15.37 8.21
CA PRO A 35 2.57 14.52 9.23
C PRO A 35 2.11 15.43 10.36
N VAL A 36 0.81 15.39 10.68
CA VAL A 36 0.23 16.26 11.71
C VAL A 36 0.73 16.06 13.13
N ASP A 37 1.20 14.86 13.47
CA ASP A 37 1.69 14.64 14.82
C ASP A 37 2.67 13.47 14.94
N GLU A 38 3.03 13.15 16.17
CA GLU A 38 3.98 12.08 16.46
C GLU A 38 3.56 10.78 15.80
N LEU A 39 2.32 10.37 16.06
CA LEU A 39 1.80 9.14 15.47
C LEU A 39 1.88 9.17 13.95
N ASP A 40 1.40 10.27 13.37
CA ASP A 40 1.40 10.42 11.91
C ASP A 40 2.85 10.34 11.40
N ARG A 41 3.78 10.85 12.20
CA ARG A 41 5.19 10.80 11.79
C ARG A 41 5.65 9.34 11.84
N CYS A 42 5.08 8.57 12.76
CA CYS A 42 5.42 7.16 12.86
C CYS A 42 5.07 6.50 11.53
N CYS A 43 3.86 6.78 11.04
CA CYS A 43 3.37 6.23 9.79
C CYS A 43 4.17 6.74 8.60
N TYR A 44 4.55 8.00 8.65
CA TYR A 44 5.35 8.62 7.61
C TYR A 44 6.67 7.86 7.43
N THR A 45 7.33 7.56 8.54
CA THR A 45 8.60 6.84 8.51
C THR A 45 8.43 5.41 7.98
N HIS A 46 7.38 4.74 8.46
CA HIS A 46 7.11 3.37 8.05
C HIS A 46 6.93 3.24 6.54
N ASP A 47 6.18 4.16 6.01
CA ASP A 47 5.90 4.18 4.58
C ASP A 47 7.19 4.27 3.77
N HIS A 48 8.06 5.12 4.23
CA HIS A 48 9.35 5.34 3.56
C HIS A 48 10.21 4.10 3.68
N CYS A 49 10.11 3.43 4.83
CA CYS A 49 10.87 2.22 5.10
C CYS A 49 10.45 1.14 4.11
N TYR A 50 9.15 0.98 3.96
CA TYR A 50 8.61 -0.02 3.03
C TYR A 50 9.06 0.23 1.61
N ASN A 51 8.98 1.49 1.20
CA ASN A 51 9.35 1.83 -0.16
C ASN A 51 10.87 1.73 -0.38
N LYS A 52 11.64 1.72 0.72
CA LYS A 52 13.10 1.53 0.65
C LYS A 52 13.38 0.04 0.61
N ALA A 53 12.46 -0.74 1.15
CA ALA A 53 12.60 -2.20 1.16
C ALA A 53 12.67 -2.75 -0.25
N ALA A 54 12.07 -2.05 -1.20
CA ALA A 54 12.07 -2.48 -2.60
C ALA A 54 13.46 -2.46 -3.19
N ASN A 55 14.29 -1.59 -2.69
CA ASN A 55 15.65 -1.47 -3.23
C ASN A 55 16.51 -2.66 -2.79
N ILE A 56 15.87 -3.67 -2.18
CA ILE A 56 16.55 -4.92 -1.80
C ILE A 56 16.05 -6.03 -2.72
N PRO A 57 16.97 -6.86 -3.23
CA PRO A 57 16.62 -7.98 -4.14
C PRO A 57 15.58 -8.89 -3.54
N GLY A 58 14.64 -9.34 -4.38
CA GLY A 58 13.58 -10.24 -3.96
C GLY A 58 12.91 -9.84 -2.66
N CYS A 59 12.65 -8.54 -2.52
CA CYS A 59 12.05 -8.02 -1.30
C CYS A 59 10.77 -7.23 -1.56
N ASN A 60 9.63 -7.80 -1.17
CA ASN A 60 8.32 -7.13 -1.32
C ASN A 60 7.81 -6.99 0.12
N PRO A 61 7.71 -5.75 0.63
CA PRO A 61 7.25 -5.46 1.99
C PRO A 61 5.94 -6.06 2.45
N LEU A 62 5.00 -6.21 1.53
CA LEU A 62 3.70 -6.71 1.92
C LEU A 62 3.54 -8.22 2.00
N ILE A 63 4.40 -8.96 1.30
CA ILE A 63 4.28 -10.40 1.29
C ILE A 63 5.48 -11.16 1.86
N LYS A 64 6.60 -10.49 2.05
CA LYS A 64 7.79 -11.14 2.59
C LYS A 64 7.55 -11.55 4.04
N THR A 65 7.67 -12.84 4.32
CA THR A 65 7.49 -13.36 5.67
C THR A 65 8.84 -13.39 6.39
N TYR A 66 8.90 -12.80 7.57
CA TYR A 66 10.15 -12.79 8.31
C TYR A 66 9.99 -13.55 9.63
N SER A 67 11.07 -13.63 10.40
CA SER A 67 11.05 -14.32 11.68
C SER A 67 11.03 -13.32 12.82
N TYR A 68 10.05 -13.44 13.69
CA TYR A 68 9.95 -12.54 14.82
C TYR A 68 9.18 -13.25 15.93
N THR A 69 9.34 -12.77 17.15
CA THR A 69 8.65 -13.34 18.28
C THR A 69 7.99 -12.24 19.09
N CYS A 70 6.85 -12.53 19.71
CA CYS A 70 6.18 -11.55 20.54
C CYS A 70 6.03 -12.08 21.96
N THR A 71 6.63 -11.37 22.90
CA THR A 71 6.54 -11.69 24.31
C THR A 71 5.90 -10.40 24.82
N LYS A 72 4.60 -10.29 24.56
CA LYS A 72 3.81 -9.13 24.90
C LYS A 72 4.34 -8.38 26.12
N PRO A 73 4.69 -7.10 25.95
CA PRO A 73 4.63 -6.31 24.71
C PRO A 73 5.93 -6.24 23.90
N ASN A 74 6.85 -7.16 24.14
CA ASN A 74 8.14 -7.14 23.45
C ASN A 74 8.22 -7.88 22.13
N ILE A 75 8.69 -7.18 21.10
CA ILE A 75 8.86 -7.73 19.75
C ILE A 75 10.34 -7.96 19.48
N THR A 76 10.67 -9.13 18.95
CA THR A 76 12.05 -9.45 18.63
C THR A 76 12.18 -9.91 17.19
N CYS A 77 13.04 -9.25 16.43
CA CYS A 77 13.29 -9.66 15.04
C CYS A 77 14.46 -10.64 15.08
N ASN A 78 14.22 -11.86 14.58
CA ASN A 78 15.22 -12.92 14.60
C ASN A 78 16.24 -12.99 13.46
N ASP A 79 15.87 -12.46 12.30
CA ASP A 79 16.74 -12.53 11.13
C ASP A 79 18.03 -11.75 11.18
N THR A 80 19.08 -12.38 10.65
CA THR A 80 20.40 -11.77 10.57
C THR A 80 20.89 -11.95 9.14
N SER A 81 20.89 -13.20 8.67
CA SER A 81 21.34 -13.52 7.33
C SER A 81 20.44 -12.99 6.23
N ASP A 82 19.14 -13.25 6.35
CA ASP A 82 18.16 -12.80 5.36
C ASP A 82 17.99 -11.29 5.50
N SER A 83 18.81 -10.54 4.77
CA SER A 83 18.76 -9.06 4.83
C SER A 83 17.38 -8.47 4.59
N CYS A 84 16.67 -8.97 3.59
CA CYS A 84 15.33 -8.45 3.30
C CYS A 84 14.44 -8.67 4.52
N ALA A 85 14.46 -9.89 5.04
CA ALA A 85 13.65 -10.21 6.21
C ALA A 85 14.01 -9.30 7.38
N ARG A 86 15.31 -9.17 7.66
CA ARG A 86 15.78 -8.33 8.76
C ARG A 86 15.38 -6.86 8.64
N PHE A 87 15.56 -6.29 7.45
CA PHE A 87 15.23 -4.89 7.19
C PHE A 87 13.75 -4.59 7.38
N ILE A 88 12.91 -5.44 6.82
CA ILE A 88 11.46 -5.28 6.89
C ILE A 88 10.91 -5.51 8.30
N CYS A 89 11.45 -6.52 8.98
CA CYS A 89 10.98 -6.79 10.34
C CYS A 89 11.28 -5.55 11.17
N ASP A 90 12.42 -4.91 10.89
CA ASP A 90 12.80 -3.70 11.62
C ASP A 90 11.81 -2.59 11.31
N CYS A 91 11.48 -2.42 10.04
CA CYS A 91 10.51 -1.40 9.66
C CYS A 91 9.27 -1.56 10.53
N ASP A 92 8.68 -2.76 10.49
CA ASP A 92 7.47 -3.07 11.23
C ASP A 92 7.58 -2.95 12.75
N ARG A 93 8.71 -3.40 13.31
CA ARG A 93 8.92 -3.34 14.75
C ARG A 93 9.00 -1.88 15.17
N THR A 94 9.76 -1.10 14.41
CA THR A 94 9.92 0.32 14.70
C THR A 94 8.57 1.01 14.70
N ALA A 95 7.76 0.73 13.68
CA ALA A 95 6.44 1.34 13.58
C ALA A 95 5.58 0.90 14.77
N ALA A 96 5.47 -0.41 14.97
CA ALA A 96 4.67 -0.95 16.06
C ALA A 96 5.00 -0.30 17.40
N ILE A 97 6.28 -0.16 17.72
CA ILE A 97 6.70 0.47 18.97
C ILE A 97 6.39 1.97 18.97
N CYS A 98 6.60 2.61 17.82
CA CYS A 98 6.33 4.04 17.67
C CYS A 98 4.84 4.31 17.91
N PHE A 99 3.98 3.46 17.36
CA PHE A 99 2.54 3.61 17.55
C PHE A 99 2.16 3.50 19.02
N ALA A 100 2.75 2.53 19.71
CA ALA A 100 2.46 2.30 21.11
C ALA A 100 2.81 3.49 22.00
N SER A 101 3.98 4.06 21.80
CA SER A 101 4.43 5.18 22.62
C SER A 101 3.83 6.53 22.26
N ALA A 102 3.37 6.70 21.02
CA ALA A 102 2.80 7.97 20.58
C ALA A 102 1.33 8.15 20.99
N PRO A 103 0.95 9.39 21.32
CA PRO A 103 -0.44 9.65 21.71
C PRO A 103 -1.39 9.51 20.51
N TYR A 104 -2.63 9.12 20.78
CA TYR A 104 -3.60 8.96 19.72
C TYR A 104 -4.63 10.10 19.77
N ASN A 105 -4.39 11.13 18.96
CA ASN A 105 -5.28 12.29 18.91
C ASN A 105 -6.49 12.01 18.02
N ILE A 106 -7.63 11.72 18.66
CA ILE A 106 -8.85 11.42 17.92
C ILE A 106 -9.24 12.57 17.01
N ASN A 107 -8.73 13.75 17.34
CA ASN A 107 -8.99 14.94 16.58
C ASN A 107 -8.30 14.84 15.22
N ASN A 108 -7.32 13.95 15.12
CA ASN A 108 -6.58 13.79 13.86
C ASN A 108 -6.99 12.58 13.02
N ILE A 109 -8.16 12.02 13.34
CA ILE A 109 -8.65 10.91 12.55
C ILE A 109 -9.44 11.60 11.44
N MET A 110 -9.35 11.10 10.22
CA MET A 110 -10.10 11.71 9.12
C MET A 110 -9.82 13.21 8.88
N ILE A 111 -8.61 13.50 8.42
CA ILE A 111 -8.21 14.87 8.11
C ILE A 111 -7.47 14.96 6.72
N SER A 112 -7.27 13.80 6.06
CA SER A 112 -6.50 13.69 4.75
C SER A 112 -7.09 14.54 3.60
N ALA A 113 -8.32 14.91 3.75
CA ALA A 113 -8.97 15.71 2.77
C ALA A 113 -9.07 17.15 3.23
N SER A 114 -8.75 17.40 4.51
CA SER A 114 -8.81 18.75 5.06
C SER A 114 -7.55 19.55 4.75
N THR A 115 -7.57 20.82 5.12
CA THR A 115 -6.45 21.72 4.91
C THR A 115 -5.14 21.18 5.51
N SER A 116 -5.26 20.37 6.55
CA SER A 116 -4.12 19.79 7.25
C SER A 116 -3.14 19.01 6.39
N CYS A 117 -3.66 18.20 5.48
CA CYS A 117 -2.81 17.40 4.60
C CYS A 117 -2.69 18.05 3.23
N GLN A 118 -3.34 19.22 3.08
CA GLN A 118 -3.33 20.01 1.85
C GLN A 118 -4.14 19.40 0.69
N ASN B 1 -12.75 -1.51 -3.14
CA ASN B 1 -11.56 -1.79 -2.29
C ASN B 1 -10.60 -2.70 -3.01
N LEU B 2 -9.55 -3.12 -2.32
CA LEU B 2 -8.51 -3.97 -2.89
C LEU B 2 -9.02 -5.30 -3.42
N LYS B 3 -9.97 -5.92 -2.72
CA LYS B 3 -10.50 -7.20 -3.18
C LYS B 3 -11.26 -7.00 -4.49
N GLN B 4 -11.84 -5.82 -4.66
CA GLN B 4 -12.58 -5.52 -5.88
C GLN B 4 -11.58 -5.28 -7.02
N PHE B 5 -10.47 -4.63 -6.70
CA PHE B 5 -9.45 -4.36 -7.70
C PHE B 5 -8.88 -5.68 -8.22
N LYS B 6 -8.65 -6.61 -7.30
CA LYS B 6 -8.12 -7.91 -7.70
C LYS B 6 -9.06 -8.63 -8.67
N ASN B 7 -10.36 -8.59 -8.40
CA ASN B 7 -11.32 -9.26 -9.27
C ASN B 7 -11.48 -8.52 -10.59
N MET B 8 -11.33 -7.19 -10.57
CA MET B 8 -11.39 -6.41 -11.79
C MET B 8 -10.23 -6.82 -12.70
N ILE B 9 -9.07 -7.05 -12.09
CA ILE B 9 -7.88 -7.43 -12.85
C ILE B 9 -8.13 -8.69 -13.67
N GLN B 10 -8.70 -9.72 -13.06
CA GLN B 10 -8.94 -10.92 -13.85
C GLN B 10 -10.18 -10.78 -14.72
N CYS B 11 -11.05 -9.82 -14.41
CA CYS B 11 -12.23 -9.60 -15.24
C CYS B 11 -11.79 -9.09 -16.60
N ALA B 12 -10.98 -8.04 -16.57
CA ALA B 12 -10.51 -7.39 -17.79
C ALA B 12 -9.35 -8.08 -18.51
N GLY B 13 -8.55 -8.85 -17.78
CA GLY B 13 -7.42 -9.49 -18.43
C GLY B 13 -7.30 -10.99 -18.25
N THR B 14 -6.21 -11.55 -18.78
CA THR B 14 -5.96 -12.98 -18.68
C THR B 14 -5.14 -13.27 -17.42
N ARG B 15 -4.21 -12.37 -17.09
CA ARG B 15 -3.38 -12.53 -15.90
C ARG B 15 -4.14 -12.05 -14.67
N THR B 16 -3.85 -12.68 -13.53
CA THR B 16 -4.49 -12.30 -12.27
C THR B 16 -3.62 -11.29 -11.54
N TRP B 17 -4.07 -10.83 -10.38
CA TRP B 17 -3.32 -9.83 -9.64
C TRP B 17 -1.94 -10.28 -9.15
N THR B 18 -1.76 -11.57 -8.93
CA THR B 18 -0.48 -12.07 -8.43
C THR B 18 0.68 -11.86 -9.39
N SER B 19 0.41 -11.82 -10.69
CA SER B 19 1.49 -11.62 -11.64
C SER B 19 2.03 -10.20 -11.67
N TYR B 20 1.35 -9.30 -10.97
CA TYR B 20 1.75 -7.90 -10.90
C TYR B 20 2.35 -7.56 -9.54
N ILE B 21 2.17 -8.45 -8.57
CA ILE B 21 2.68 -8.28 -7.20
C ILE B 21 4.13 -7.79 -7.16
N GLY B 22 4.97 -8.26 -8.08
CA GLY B 22 6.36 -7.85 -8.10
C GLY B 22 6.89 -7.52 -9.48
N TYR B 23 6.24 -6.61 -10.16
CA TYR B 23 6.64 -6.24 -11.50
C TYR B 23 7.20 -4.82 -11.62
N GLY B 24 8.30 -4.70 -12.36
CA GLY B 24 8.92 -3.40 -12.57
C GLY B 24 9.22 -2.58 -11.34
N CYS B 25 9.21 -1.25 -11.50
CA CYS B 25 9.52 -0.32 -10.42
C CYS B 25 8.28 0.15 -9.64
N TYR B 26 7.09 -0.01 -10.21
CA TYR B 26 5.90 0.47 -9.53
C TYR B 26 4.74 -0.48 -9.24
N CYS B 27 4.77 -1.70 -9.76
CA CYS B 27 3.69 -2.63 -9.48
C CYS B 27 3.98 -3.24 -8.13
N GLY B 28 2.97 -3.25 -7.27
CA GLY B 28 3.17 -3.75 -5.92
C GLY B 28 3.31 -2.51 -5.07
N TYR B 29 3.63 -2.65 -3.79
CA TYR B 29 3.76 -1.48 -2.92
C TYR B 29 4.71 -0.42 -3.46
N GLY B 30 4.45 0.83 -3.11
CA GLY B 30 5.26 1.98 -3.51
C GLY B 30 6.15 1.84 -4.72
N GLY B 31 7.36 2.39 -4.63
CA GLY B 31 8.30 2.32 -5.74
C GLY B 31 8.92 3.67 -6.03
N SER B 32 9.96 3.65 -6.87
CA SER B 32 10.66 4.86 -7.26
C SER B 32 11.33 4.64 -8.62
N GLY B 33 11.92 5.71 -9.15
CA GLY B 33 12.58 5.61 -10.43
C GLY B 33 11.61 5.83 -11.57
N THR B 34 12.04 5.50 -12.78
CA THR B 34 11.21 5.66 -13.96
C THR B 34 10.49 4.35 -14.27
N PRO B 35 9.18 4.40 -14.52
CA PRO B 35 8.48 3.15 -14.82
C PRO B 35 9.16 2.56 -16.05
N VAL B 36 9.62 1.32 -15.94
CA VAL B 36 10.36 0.65 -17.02
C VAL B 36 9.60 0.41 -18.33
N ASP B 37 8.29 0.24 -18.25
CA ASP B 37 7.52 0.00 -19.47
C ASP B 37 6.07 0.41 -19.33
N GLU B 38 5.27 0.07 -20.35
CA GLU B 38 3.86 0.40 -20.39
C GLU B 38 3.14 -0.12 -19.15
N LEU B 39 3.31 -1.41 -18.88
CA LEU B 39 2.69 -2.02 -17.72
C LEU B 39 3.09 -1.28 -16.44
N ASP B 40 4.39 -1.07 -16.27
CA ASP B 40 4.91 -0.39 -15.09
C ASP B 40 4.27 1.00 -15.03
N ARG B 41 4.09 1.58 -16.21
CA ARG B 41 3.49 2.88 -16.35
C ARG B 41 2.07 2.77 -15.82
N CYS B 42 1.43 1.64 -16.09
CA CYS B 42 0.06 1.43 -15.62
C CYS B 42 0.01 1.50 -14.10
N CYS B 43 0.94 0.82 -13.46
CA CYS B 43 1.01 0.75 -12.00
C CYS B 43 1.39 2.10 -11.41
N TYR B 44 2.22 2.84 -12.12
CA TYR B 44 2.66 4.16 -11.68
C TYR B 44 1.42 5.07 -11.53
N THR B 45 0.60 5.10 -12.57
CA THR B 45 -0.61 5.92 -12.57
C THR B 45 -1.55 5.49 -11.46
N HIS B 46 -1.79 4.19 -11.35
CA HIS B 46 -2.69 3.67 -10.32
C HIS B 46 -2.23 4.11 -8.92
N ASP B 47 -0.94 4.07 -8.66
CA ASP B 47 -0.42 4.48 -7.34
C ASP B 47 -0.79 5.89 -7.01
N HIS B 48 -0.65 6.73 -8.01
CA HIS B 48 -0.96 8.14 -7.83
C HIS B 48 -2.45 8.33 -7.65
N CYS B 49 -3.24 7.56 -8.38
CA CYS B 49 -4.69 7.64 -8.31
C CYS B 49 -5.13 7.37 -6.88
N TYR B 50 -4.51 6.35 -6.27
CA TYR B 50 -4.84 6.00 -4.90
C TYR B 50 -4.42 7.10 -3.95
N ASN B 51 -3.30 7.75 -4.23
CA ASN B 51 -2.83 8.84 -3.37
C ASN B 51 -3.85 9.97 -3.38
N LYS B 52 -4.37 10.29 -4.56
CA LYS B 52 -5.35 11.35 -4.71
C LYS B 52 -6.68 11.00 -4.07
N ALA B 53 -7.01 9.70 -4.06
CA ALA B 53 -8.26 9.25 -3.46
C ALA B 53 -8.32 9.72 -2.00
N ALA B 54 -7.18 9.73 -1.34
CA ALA B 54 -7.12 10.16 0.05
C ALA B 54 -7.51 11.63 0.22
N ASN B 55 -7.42 12.38 -0.85
CA ASN B 55 -7.77 13.80 -0.79
C ASN B 55 -9.29 13.98 -0.79
N ILE B 56 -9.97 12.86 -0.78
CA ILE B 56 -11.44 12.88 -0.74
C ILE B 56 -11.91 12.51 0.65
N PRO B 57 -12.92 13.23 1.17
CA PRO B 57 -13.48 12.98 2.49
C PRO B 57 -13.93 11.54 2.67
N GLY B 58 -13.65 10.98 3.84
CA GLY B 58 -14.01 9.61 4.13
C GLY B 58 -13.69 8.66 3.00
N CYS B 59 -12.50 8.80 2.42
CA CYS B 59 -12.09 7.94 1.31
C CYS B 59 -10.76 7.24 1.57
N ASN B 60 -10.80 5.92 1.67
CA ASN B 60 -9.61 5.08 1.89
C ASN B 60 -9.61 4.10 0.71
N PRO B 61 -8.62 4.22 -0.19
CA PRO B 61 -8.51 3.36 -1.38
C PRO B 61 -8.48 1.85 -1.17
N LEU B 62 -7.97 1.42 -0.02
CA LEU B 62 -7.88 -0.01 0.22
C LEU B 62 -9.09 -0.67 0.87
N ILE B 63 -9.90 0.10 1.58
CA ILE B 63 -11.07 -0.46 2.26
C ILE B 63 -12.41 0.04 1.73
N LYS B 64 -12.39 1.08 0.92
CA LYS B 64 -13.61 1.67 0.36
C LYS B 64 -14.29 0.68 -0.57
N THR B 65 -15.54 0.34 -0.27
CA THR B 65 -16.30 -0.58 -1.11
C THR B 65 -17.15 0.21 -2.10
N TYR B 66 -16.94 -0.02 -3.40
CA TYR B 66 -17.73 0.67 -4.41
C TYR B 66 -18.64 -0.31 -5.14
N SER B 67 -19.41 0.21 -6.08
CA SER B 67 -20.34 -0.59 -6.88
C SER B 67 -19.82 -0.77 -8.29
N TYR B 68 -19.71 -2.01 -8.73
CA TYR B 68 -19.25 -2.28 -10.07
C TYR B 68 -19.73 -3.64 -10.51
N THR B 69 -19.76 -3.87 -11.83
CA THR B 69 -20.19 -5.14 -12.36
C THR B 69 -19.14 -5.65 -13.35
N CYS B 70 -19.06 -6.96 -13.52
CA CYS B 70 -18.13 -7.53 -14.48
C CYS B 70 -18.87 -8.42 -15.46
N THR B 71 -18.83 -8.05 -16.74
CA THR B 71 -19.43 -8.82 -17.82
C THR B 71 -18.17 -9.15 -18.63
N LYS B 72 -17.40 -10.09 -18.08
CA LYS B 72 -16.13 -10.52 -18.66
C LYS B 72 -16.11 -10.39 -20.18
N PRO B 73 -15.14 -9.61 -20.71
CA PRO B 73 -14.10 -8.87 -20.00
C PRO B 73 -14.41 -7.41 -19.65
N ASN B 74 -15.69 -7.05 -19.60
CA ASN B 74 -16.07 -5.67 -19.35
C ASN B 74 -16.37 -5.30 -17.91
N ILE B 75 -15.78 -4.19 -17.47
CA ILE B 75 -15.96 -3.68 -16.11
C ILE B 75 -16.76 -2.38 -16.16
N THR B 76 -17.76 -2.27 -15.30
CA THR B 76 -18.58 -1.08 -15.26
C THR B 76 -18.68 -0.52 -13.85
N CYS B 77 -18.34 0.75 -13.69
CA CYS B 77 -18.44 1.42 -12.39
C CYS B 77 -19.84 2.05 -12.35
N ASN B 78 -20.62 1.70 -11.34
CA ASN B 78 -22.01 2.20 -11.23
C ASN B 78 -22.24 3.47 -10.42
N ASP B 79 -21.28 3.82 -9.56
CA ASP B 79 -21.45 4.99 -8.71
C ASP B 79 -21.40 6.32 -9.42
N THR B 80 -22.31 7.21 -9.02
CA THR B 80 -22.38 8.55 -9.57
C THR B 80 -22.35 9.56 -8.42
N SER B 81 -23.24 9.34 -7.45
CA SER B 81 -23.38 10.21 -6.29
C SER B 81 -22.22 10.12 -5.30
N ASP B 82 -21.83 8.90 -4.97
CA ASP B 82 -20.74 8.66 -4.03
C ASP B 82 -19.43 8.95 -4.77
N SER B 83 -18.96 10.19 -4.66
CA SER B 83 -17.74 10.62 -5.37
C SER B 83 -16.53 9.76 -5.05
N CYS B 84 -16.33 9.42 -3.79
CA CYS B 84 -15.20 8.59 -3.39
C CYS B 84 -15.27 7.26 -4.10
N ALA B 85 -16.46 6.64 -4.06
CA ALA B 85 -16.67 5.35 -4.69
C ALA B 85 -16.37 5.43 -6.17
N ARG B 86 -16.97 6.41 -6.86
CA ARG B 86 -16.78 6.55 -8.30
C ARG B 86 -15.32 6.78 -8.65
N PHE B 87 -14.63 7.60 -7.85
CA PHE B 87 -13.23 7.91 -8.09
C PHE B 87 -12.34 6.68 -7.99
N ILE B 88 -12.47 5.93 -6.91
CA ILE B 88 -11.66 4.73 -6.70
C ILE B 88 -11.98 3.66 -7.73
N CYS B 89 -13.27 3.49 -8.04
CA CYS B 89 -13.65 2.48 -9.01
C CYS B 89 -12.99 2.81 -10.35
N ASP B 90 -12.91 4.10 -10.66
CA ASP B 90 -12.29 4.55 -11.91
C ASP B 90 -10.80 4.23 -11.88
N CYS B 91 -10.15 4.49 -10.74
CA CYS B 91 -8.74 4.20 -10.58
C CYS B 91 -8.49 2.75 -10.93
N ASP B 92 -9.19 1.86 -10.23
CA ASP B 92 -9.04 0.43 -10.43
C ASP B 92 -9.42 -0.06 -11.83
N ARG B 93 -10.54 0.41 -12.36
CA ARG B 93 -10.98 0.01 -13.69
C ARG B 93 -9.92 0.39 -14.72
N THR B 94 -9.41 1.61 -14.58
CA THR B 94 -8.38 2.11 -15.49
C THR B 94 -7.16 1.22 -15.44
N ALA B 95 -6.71 0.90 -14.23
CA ALA B 95 -5.54 0.05 -14.04
C ALA B 95 -5.79 -1.36 -14.60
N ALA B 96 -6.95 -1.92 -14.26
CA ALA B 96 -7.32 -3.26 -14.71
C ALA B 96 -7.28 -3.36 -16.24
N ILE B 97 -7.85 -2.38 -16.93
CA ILE B 97 -7.85 -2.39 -18.39
C ILE B 97 -6.45 -2.13 -18.91
N CYS B 98 -5.73 -1.22 -18.27
CA CYS B 98 -4.36 -0.89 -18.67
C CYS B 98 -3.49 -2.16 -18.60
N PHE B 99 -3.57 -2.87 -17.48
CA PHE B 99 -2.83 -4.10 -17.29
C PHE B 99 -3.12 -5.07 -18.43
N ALA B 100 -4.41 -5.26 -18.72
CA ALA B 100 -4.83 -6.19 -19.77
C ALA B 100 -4.28 -5.88 -21.17
N SER B 101 -4.27 -4.60 -21.52
CA SER B 101 -3.79 -4.19 -22.84
C SER B 101 -2.28 -4.10 -22.99
N ALA B 102 -1.57 -3.89 -21.88
CA ALA B 102 -0.11 -3.77 -21.93
C ALA B 102 0.63 -5.10 -22.02
N PRO B 103 1.77 -5.11 -22.71
CA PRO B 103 2.50 -6.37 -22.79
C PRO B 103 3.16 -6.67 -21.45
N TYR B 104 3.31 -7.94 -21.13
CA TYR B 104 3.93 -8.34 -19.89
C TYR B 104 5.35 -8.81 -20.21
N ASN B 105 6.34 -8.02 -19.82
CA ASN B 105 7.75 -8.35 -20.07
C ASN B 105 8.37 -9.07 -18.87
N ILE B 106 8.48 -10.39 -18.99
CA ILE B 106 9.04 -11.21 -17.92
C ILE B 106 10.43 -10.72 -17.56
N ASN B 107 11.05 -10.03 -18.50
CA ASN B 107 12.38 -9.47 -18.29
C ASN B 107 12.33 -8.38 -17.21
N ASN B 108 11.14 -7.81 -17.01
CA ASN B 108 10.98 -6.74 -16.03
C ASN B 108 10.39 -7.15 -14.69
N ILE B 109 10.34 -8.45 -14.43
CA ILE B 109 9.86 -8.95 -13.16
C ILE B 109 11.13 -8.95 -12.30
N MET B 110 11.07 -8.34 -11.13
CA MET B 110 12.23 -8.32 -10.24
C MET B 110 13.39 -7.48 -10.75
N ILE B 111 13.20 -6.16 -10.75
CA ILE B 111 14.21 -5.21 -11.19
C ILE B 111 14.27 -3.98 -10.23
N SER B 112 13.32 -3.92 -9.31
CA SER B 112 13.16 -2.79 -8.34
C SER B 112 14.45 -2.49 -7.53
N ALA B 113 15.33 -3.47 -7.49
CA ALA B 113 16.60 -3.34 -6.75
C ALA B 113 17.76 -3.17 -7.72
N SER B 114 17.47 -3.13 -9.02
CA SER B 114 18.51 -2.98 -10.05
C SER B 114 18.63 -1.52 -10.50
N THR B 115 19.62 -1.26 -11.36
CA THR B 115 19.84 0.09 -11.89
C THR B 115 18.56 0.69 -12.45
N SER B 116 17.74 -0.15 -13.07
CA SER B 116 16.48 0.24 -13.69
C SER B 116 15.57 1.11 -12.84
N CYS B 117 15.48 0.84 -11.55
CA CYS B 117 14.61 1.61 -10.69
C CYS B 117 15.28 2.71 -9.89
N GLN B 118 16.48 3.10 -10.31
CA GLN B 118 17.23 4.16 -9.63
C GLN B 118 16.82 5.53 -10.17
#